data_4QDD
#
_entry.id   4QDD
#
_cell.length_a   163.170
_cell.length_b   163.170
_cell.length_c   47.140
_cell.angle_alpha   90.000
_cell.angle_beta   90.000
_cell.angle_gamma   120.000
#
_symmetry.space_group_name_H-M   'P 63'
#
loop_
_entity.id
_entity.type
_entity.pdbx_description
1 polymer '3-ketosteroid 9alpha-hydroxylase oxygenase'
2 non-polymer 'FE2/S2 (INORGANIC) CLUSTER'
3 non-polymer 'FE (II) ION'
4 non-polymer 'S-[2-(propanoylamino)ethyl] (2S)-2-[(8S,9S,10R,13S,14S,17R)-10,13-dimethyl-3-oxo-6,7,8,9,10,11,12,13,14,15,16,17-dodecahydro-3H-cyclopenta[a]phenanthren-17-yl]propanethioate (non-preferred name)'
5 water water
#
_entity_poly.entity_id   1
_entity_poly.type   'polypeptide(L)'
_entity_poly.pdbx_seq_one_letter_code
;MSIDTARSGSDDDVEIREIQAAAAPTRFARGWHCLGLLRDFQDGKPHSIEAFGTKLVVFADSKGQLNVLDAYCRHMGGDL
SRGEVKGDSIACPFHDWRWNGKGKCTDIPYARRVPPIAKTRAWTTLERNGQLYVWNDPQGNPPPEDVTIPEIAGYGTDEW
TDWSWKSLRIKGSHCREIVDNVVDMAHFFYIHYSFPRYFKNVFEGHTATQYMHSTGREDVISGTNYDDPNAELRSEATYF
GPSYMIDWLESDANGQTIETILINCHYPVSNNEFVLQYGAIVKKLPGVSDEIAAGMAEQFAEGVQLGFEQDVEIWKNKAP
IDNPLLSEEDGPVYQLRRWYQQFYVDVEDITEDMTKRFEFEIDTTRAVASWQKEVAENLAKQAEGSTATP
;
_entity_poly.pdbx_strand_id   A
#
# COMPACT_ATOMS: atom_id res chain seq x y z
N GLU A 15 -36.34 -17.31 2.91
CA GLU A 15 -35.66 -16.51 3.97
C GLU A 15 -34.15 -16.38 3.70
N ILE A 16 -33.52 -17.51 3.36
CA ILE A 16 -32.05 -17.63 3.29
C ILE A 16 -31.40 -16.48 2.51
N ARG A 17 -30.43 -15.82 3.14
CA ARG A 17 -29.69 -14.74 2.50
C ARG A 17 -28.58 -15.31 1.60
N GLU A 18 -28.55 -14.89 0.34
CA GLU A 18 -27.57 -15.37 -0.62
C GLU A 18 -26.45 -14.33 -0.85
N ILE A 19 -25.30 -14.82 -1.33
CA ILE A 19 -24.13 -13.96 -1.57
C ILE A 19 -24.19 -13.36 -2.98
N GLN A 20 -23.68 -12.14 -3.12
CA GLN A 20 -23.63 -11.44 -4.40
C GLN A 20 -22.20 -11.22 -4.84
N ALA A 21 -21.73 -12.06 -5.76
CA ALA A 21 -20.40 -11.90 -6.36
C ALA A 21 -20.52 -11.37 -7.79
N ALA A 22 -20.53 -10.05 -7.92
CA ALA A 22 -20.40 -9.40 -9.22
C ALA A 22 -18.97 -9.52 -9.74
N ALA A 23 -18.84 -9.52 -11.07
CA ALA A 23 -17.52 -9.70 -11.70
C ALA A 23 -16.58 -8.57 -11.29
N ALA A 24 -15.33 -8.93 -10.99
CA ALA A 24 -14.31 -7.97 -10.57
C ALA A 24 -14.07 -6.93 -11.67
N PRO A 25 -13.67 -5.71 -11.28
CA PRO A 25 -13.53 -4.64 -12.26
C PRO A 25 -12.35 -4.88 -13.19
N THR A 26 -12.61 -4.79 -14.50
CA THR A 26 -11.56 -4.85 -15.52
C THR A 26 -10.66 -3.63 -15.42
N ARG A 27 -11.29 -2.49 -15.15
CA ARG A 27 -10.61 -1.21 -15.01
C ARG A 27 -9.71 -1.20 -13.78
N PHE A 28 -8.66 -0.38 -13.82
CA PHE A 28 -7.76 -0.23 -12.68
C PHE A 28 -7.91 1.16 -12.06
N ALA A 29 -7.59 1.26 -10.78
CA ALA A 29 -7.83 2.48 -10.00
C ALA A 29 -6.96 3.64 -10.45
N ARG A 30 -7.50 4.85 -10.32
CA ARG A 30 -6.80 6.09 -10.68
C ARG A 30 -6.12 6.65 -9.44
N GLY A 31 -4.80 6.79 -9.51
CA GLY A 31 -4.04 7.37 -8.40
C GLY A 31 -2.59 6.93 -8.39
N TRP A 32 -1.88 7.36 -7.36
CA TRP A 32 -0.47 6.98 -7.17
C TRP A 32 -0.38 5.57 -6.59
N HIS A 33 0.38 4.71 -7.24
CA HIS A 33 0.67 3.37 -6.75
C HIS A 33 2.16 3.23 -6.50
N CYS A 34 2.53 2.71 -5.33
CA CYS A 34 3.93 2.62 -4.93
C CYS A 34 4.51 1.32 -5.44
N LEU A 35 5.58 1.45 -6.23
CA LEU A 35 6.26 0.30 -6.83
C LEU A 35 7.60 0.00 -6.14
N GLY A 36 7.79 0.51 -4.92
CA GLY A 36 8.95 0.13 -4.09
C GLY A 36 10.02 1.20 -3.93
N LEU A 37 11.14 0.81 -3.34
CA LEU A 37 12.15 1.76 -2.88
C LEU A 37 13.04 2.24 -4.02
N LEU A 38 13.55 3.47 -3.88
CA LEU A 38 14.43 4.05 -4.88
C LEU A 38 15.76 3.30 -4.94
N ARG A 39 16.26 2.87 -3.78
CA ARG A 39 17.52 2.12 -3.73
C ARG A 39 17.46 0.81 -4.51
N ASP A 40 16.26 0.21 -4.59
CA ASP A 40 16.08 -1.00 -5.39
C ASP A 40 16.04 -0.75 -6.90
N PHE A 41 15.73 0.48 -7.31
CA PHE A 41 15.74 0.86 -8.73
C PHE A 41 16.95 1.70 -9.13
N GLN A 42 17.76 2.11 -8.16
CA GLN A 42 18.99 2.87 -8.43
C GLN A 42 20.20 1.96 -8.42
N ASP A 43 20.36 1.16 -9.47
CA ASP A 43 21.59 0.41 -9.71
C ASP A 43 21.99 0.31 -11.20
N GLY A 44 21.43 1.18 -12.05
CA GLY A 44 21.79 1.20 -13.47
C GLY A 44 20.99 0.25 -14.34
N LYS A 45 20.77 -0.97 -13.87
CA LYS A 45 20.01 -1.97 -14.63
C LYS A 45 18.56 -1.55 -14.78
N PRO A 46 17.87 -2.05 -15.83
CA PRO A 46 16.41 -1.89 -15.90
C PRO A 46 15.72 -2.89 -14.98
N HIS A 47 14.39 -2.78 -14.84
CA HIS A 47 13.61 -3.66 -13.97
C HIS A 47 12.21 -3.84 -14.52
N SER A 48 11.82 -5.08 -14.83
CA SER A 48 10.49 -5.38 -15.32
C SER A 48 9.48 -5.31 -14.16
N ILE A 49 8.24 -4.97 -14.48
CA ILE A 49 7.17 -5.00 -13.51
C ILE A 49 5.84 -5.25 -14.22
N GLU A 50 5.16 -6.32 -13.82
CA GLU A 50 3.85 -6.64 -14.37
C GLU A 50 2.78 -5.96 -13.52
N ALA A 51 2.11 -4.98 -14.12
CA ALA A 51 1.15 -4.14 -13.40
C ALA A 51 0.11 -3.59 -14.36
N PHE A 52 -1.12 -3.43 -13.85
CA PHE A 52 -2.21 -2.81 -14.60
C PHE A 52 -2.53 -3.53 -15.90
N GLY A 53 -2.55 -4.86 -15.83
CA GLY A 53 -2.95 -5.70 -16.98
C GLY A 53 -1.97 -5.62 -18.13
N THR A 54 -0.70 -5.39 -17.81
CA THR A 54 0.36 -5.25 -18.81
C THR A 54 1.73 -5.27 -18.12
N LYS A 55 2.79 -5.01 -18.88
CA LYS A 55 4.13 -4.97 -18.33
C LYS A 55 4.75 -3.58 -18.52
N LEU A 56 5.36 -3.06 -17.47
CA LEU A 56 6.10 -1.81 -17.54
C LEU A 56 7.57 -2.07 -17.27
N VAL A 57 8.42 -1.17 -17.77
CA VAL A 57 9.87 -1.23 -17.49
C VAL A 57 10.25 0.04 -16.77
N VAL A 58 11.11 -0.09 -15.76
CA VAL A 58 11.57 1.05 -14.97
C VAL A 58 13.10 1.07 -14.92
N PHE A 59 13.67 2.14 -15.48
CA PHE A 59 15.11 2.33 -15.52
C PHE A 59 15.52 3.71 -15.01
N ALA A 60 16.82 3.87 -14.72
CA ALA A 60 17.35 5.07 -14.08
C ALA A 60 18.45 5.66 -14.93
N ASP A 61 18.24 6.89 -15.42
CA ASP A 61 19.24 7.57 -16.25
C ASP A 61 20.47 7.95 -15.45
N SER A 62 21.51 8.43 -16.14
CA SER A 62 22.82 8.72 -15.53
C SER A 62 22.70 9.61 -14.29
N LYS A 63 21.91 10.67 -14.40
CA LYS A 63 21.72 11.61 -13.29
C LYS A 63 21.17 10.91 -12.05
N GLY A 64 20.18 10.04 -12.24
CA GLY A 64 19.51 9.36 -11.14
C GLY A 64 18.01 9.26 -11.30
N GLN A 65 17.45 10.12 -12.14
CA GLN A 65 15.99 10.19 -12.31
C GLN A 65 15.48 8.86 -12.86
N LEU A 66 14.52 8.26 -12.15
CA LEU A 66 13.91 7.01 -12.59
C LEU A 66 12.85 7.29 -13.65
N ASN A 67 12.88 6.53 -14.74
CA ASN A 67 11.92 6.69 -15.84
C ASN A 67 11.12 5.42 -16.03
N VAL A 68 9.87 5.57 -16.46
CA VAL A 68 8.95 4.44 -16.62
C VAL A 68 8.21 4.55 -17.95
N LEU A 69 8.20 3.45 -18.71
CA LEU A 69 7.47 3.37 -19.98
C LEU A 69 6.76 2.03 -20.10
N ASP A 70 6.09 1.79 -21.22
CA ASP A 70 5.58 0.46 -21.54
C ASP A 70 6.75 -0.47 -21.87
N ALA A 71 6.71 -1.69 -21.35
CA ALA A 71 7.83 -2.63 -21.48
C ALA A 71 8.01 -3.09 -22.94
N TYR A 72 6.93 -3.10 -23.72
CA TYR A 72 6.95 -3.65 -25.05
C TYR A 72 7.35 -2.63 -26.10
N CYS A 73 8.47 -2.90 -26.77
CA CYS A 73 9.04 -2.03 -27.80
C CYS A 73 8.13 -1.89 -28.99
N ARG A 74 7.98 -0.67 -29.50
CA ARG A 74 7.06 -0.40 -30.61
C ARG A 74 7.55 -0.93 -31.96
N HIS A 75 8.85 -1.20 -32.07
CA HIS A 75 9.42 -1.75 -33.31
C HIS A 75 8.93 -3.17 -33.57
N MET A 76 9.36 -4.13 -32.74
CA MET A 76 8.96 -5.53 -32.92
C MET A 76 8.40 -6.18 -31.65
N GLY A 77 7.99 -5.38 -30.68
CA GLY A 77 7.39 -5.92 -29.45
C GLY A 77 8.38 -6.44 -28.42
N GLY A 78 9.68 -6.20 -28.64
CA GLY A 78 10.69 -6.69 -27.73
C GLY A 78 10.49 -6.18 -26.32
N ASP A 79 10.99 -6.94 -25.34
CA ASP A 79 10.85 -6.57 -23.95
C ASP A 79 11.99 -5.64 -23.55
N LEU A 80 11.67 -4.38 -23.32
CA LEU A 80 12.66 -3.37 -22.97
C LEU A 80 13.27 -3.60 -21.59
N SER A 81 12.54 -4.27 -20.71
CA SER A 81 13.07 -4.64 -19.38
C SER A 81 14.15 -5.72 -19.44
N ARG A 82 14.16 -6.51 -20.52
CA ARG A 82 15.26 -7.46 -20.78
C ARG A 82 16.43 -6.79 -21.51
N GLY A 83 16.38 -5.47 -21.66
CA GLY A 83 17.42 -4.72 -22.36
C GLY A 83 18.51 -4.19 -21.42
N GLU A 84 19.17 -3.12 -21.84
CA GLU A 84 20.32 -2.56 -21.13
C GLU A 84 20.29 -1.04 -21.23
N VAL A 85 20.64 -0.35 -20.16
CA VAL A 85 20.66 1.11 -20.15
C VAL A 85 21.99 1.60 -20.74
N LYS A 86 21.89 2.50 -21.71
CA LYS A 86 23.07 3.12 -22.31
C LYS A 86 22.89 4.65 -22.32
N GLY A 87 23.70 5.33 -21.51
CA GLY A 87 23.55 6.77 -21.30
C GLY A 87 22.30 7.08 -20.51
N ASP A 88 21.40 7.85 -21.11
CA ASP A 88 20.09 8.14 -20.54
C ASP A 88 18.99 7.60 -21.47
N SER A 89 19.23 6.44 -22.05
CA SER A 89 18.25 5.75 -22.92
C SER A 89 18.26 4.25 -22.65
N ILE A 90 17.14 3.60 -22.96
CA ILE A 90 16.99 2.15 -22.76
C ILE A 90 17.23 1.41 -24.09
N ALA A 91 18.20 0.51 -24.09
CA ALA A 91 18.54 -0.26 -25.28
C ALA A 91 17.74 -1.56 -25.32
N CYS A 92 16.99 -1.76 -26.41
CA CYS A 92 16.13 -2.93 -26.55
C CYS A 92 16.99 -4.16 -26.79
N PRO A 93 16.65 -5.31 -26.15
CA PRO A 93 17.51 -6.49 -26.32
C PRO A 93 17.41 -7.12 -27.70
N PHE A 94 16.42 -6.72 -28.50
CA PHE A 94 16.20 -7.30 -29.81
C PHE A 94 17.16 -6.68 -30.83
N HIS A 95 17.04 -5.37 -31.06
CA HIS A 95 17.87 -4.67 -32.04
C HIS A 95 18.55 -3.41 -31.48
N ASP A 96 18.68 -3.31 -30.16
CA ASP A 96 19.32 -2.17 -29.49
C ASP A 96 18.86 -0.78 -29.96
N TRP A 97 17.56 -0.62 -30.19
CA TRP A 97 16.99 0.71 -30.40
C TRP A 97 16.99 1.46 -29.06
N ARG A 98 17.27 2.76 -29.09
CA ARG A 98 17.42 3.56 -27.86
C ARG A 98 16.20 4.45 -27.64
N TRP A 99 15.64 4.42 -26.43
CA TRP A 99 14.48 5.24 -26.07
C TRP A 99 14.77 6.02 -24.78
N ASN A 100 14.43 7.30 -24.78
CA ASN A 100 14.71 8.18 -23.63
C ASN A 100 13.54 8.25 -22.65
N GLY A 101 13.77 8.96 -21.54
CA GLY A 101 12.76 9.09 -20.48
C GLY A 101 11.38 9.51 -20.94
N LYS A 102 11.32 10.47 -21.86
CA LYS A 102 10.05 10.97 -22.40
C LYS A 102 9.37 10.01 -23.36
N GLY A 103 10.11 9.00 -23.84
CA GLY A 103 9.56 7.95 -24.70
C GLY A 103 9.85 8.13 -26.17
N LYS A 104 10.73 9.05 -26.51
CA LYS A 104 11.14 9.28 -27.90
C LYS A 104 12.35 8.40 -28.22
N CYS A 105 12.33 7.76 -29.39
CA CYS A 105 13.49 7.02 -29.85
C CYS A 105 14.61 8.00 -30.17
N THR A 106 15.75 7.83 -29.50
CA THR A 106 16.89 8.75 -29.63
C THR A 106 17.86 8.31 -30.73
N ASP A 107 18.11 7.01 -30.82
CA ASP A 107 19.20 6.49 -31.64
C ASP A 107 18.95 5.02 -32.05
N ILE A 108 19.01 4.77 -33.35
CA ILE A 108 19.07 3.40 -33.88
C ILE A 108 20.52 3.15 -34.28
N PRO A 109 21.20 2.18 -33.65
CA PRO A 109 22.66 2.10 -33.79
C PRO A 109 23.14 1.74 -35.21
N TYR A 110 22.34 0.98 -35.96
CA TYR A 110 22.73 0.54 -37.31
C TYR A 110 22.07 1.34 -38.44
N ALA A 111 21.23 2.33 -38.09
CA ALA A 111 20.57 3.18 -39.08
C ALA A 111 20.92 4.64 -38.84
N ARG A 112 20.95 5.43 -39.92
CA ARG A 112 21.47 6.82 -39.84
C ARG A 112 20.69 7.66 -38.83
N ARG A 113 19.38 7.78 -39.04
CA ARG A 113 18.52 8.62 -38.20
C ARG A 113 17.17 7.95 -37.93
N VAL A 114 16.44 8.49 -36.95
CA VAL A 114 15.21 7.86 -36.45
C VAL A 114 13.96 8.59 -36.97
N PRO A 115 12.84 7.86 -37.14
CA PRO A 115 11.58 8.54 -37.48
C PRO A 115 11.04 9.37 -36.32
N PRO A 116 10.43 10.53 -36.63
CA PRO A 116 9.87 11.39 -35.57
C PRO A 116 8.62 10.81 -34.90
N ILE A 117 7.93 9.91 -35.60
CA ILE A 117 6.73 9.25 -35.09
C ILE A 117 7.05 8.06 -34.15
N ALA A 118 8.33 7.83 -33.88
CA ALA A 118 8.76 6.84 -32.90
C ALA A 118 8.63 7.40 -31.49
N LYS A 119 7.42 7.35 -30.94
CA LYS A 119 7.17 7.77 -29.57
C LYS A 119 6.32 6.73 -28.83
N THR A 120 6.83 6.29 -27.67
CA THR A 120 6.13 5.34 -26.82
C THR A 120 5.59 6.03 -25.57
N ARG A 121 4.70 5.36 -24.85
CA ARG A 121 4.01 5.97 -23.71
C ARG A 121 4.89 6.04 -22.48
N ALA A 122 5.25 7.25 -22.06
CA ALA A 122 5.94 7.46 -20.79
C ALA A 122 4.92 7.59 -19.66
N TRP A 123 5.29 7.10 -18.49
CA TRP A 123 4.39 7.11 -17.33
C TRP A 123 4.84 8.18 -16.33
N THR A 124 3.87 8.93 -15.83
CA THR A 124 4.13 10.04 -14.92
C THR A 124 4.56 9.51 -13.56
N THR A 125 5.72 9.96 -13.08
CA THR A 125 6.35 9.43 -11.87
C THR A 125 6.53 10.49 -10.77
N LEU A 126 6.77 10.02 -9.55
CA LEU A 126 7.07 10.88 -8.40
C LEU A 126 8.05 10.17 -7.49
N GLU A 127 9.11 10.88 -7.11
CA GLU A 127 10.22 10.30 -6.37
C GLU A 127 10.27 10.95 -4.97
N ARG A 128 9.88 10.19 -3.95
CA ARG A 128 9.61 10.76 -2.62
C ARG A 128 9.57 9.69 -1.52
N ASN A 129 10.01 10.07 -0.32
CA ASN A 129 10.00 9.21 0.87
C ASN A 129 10.83 7.93 0.70
N GLY A 130 11.93 8.05 -0.04
CA GLY A 130 12.77 6.89 -0.38
C GLY A 130 12.07 5.88 -1.26
N GLN A 131 11.06 6.32 -2.01
CA GLN A 131 10.15 5.41 -2.73
C GLN A 131 9.80 5.93 -4.14
N LEU A 132 9.30 5.04 -4.99
CA LEU A 132 8.84 5.38 -6.34
C LEU A 132 7.37 5.16 -6.47
N TYR A 133 6.66 6.16 -6.97
CA TYR A 133 5.23 6.08 -7.27
C TYR A 133 5.02 6.25 -8.76
N VAL A 134 4.09 5.49 -9.32
CA VAL A 134 3.60 5.73 -10.67
C VAL A 134 2.15 6.16 -10.59
N TRP A 135 1.73 6.95 -11.58
CA TRP A 135 0.34 7.39 -11.68
C TRP A 135 -0.34 6.72 -12.88
N ASN A 136 -1.17 5.72 -12.59
CA ASN A 136 -2.08 5.15 -13.61
C ASN A 136 -3.38 5.94 -13.62
N ASP A 137 -3.91 6.13 -14.82
CA ASP A 137 -5.19 6.83 -15.02
C ASP A 137 -5.67 6.49 -16.42
N PRO A 138 -6.66 5.60 -16.56
CA PRO A 138 -7.07 5.12 -17.89
C PRO A 138 -7.55 6.24 -18.82
N GLN A 139 -7.98 7.37 -18.25
CA GLN A 139 -8.32 8.56 -19.03
C GLN A 139 -7.08 9.22 -19.65
N GLY A 140 -5.92 9.02 -19.02
CA GLY A 140 -4.64 9.41 -19.63
C GLY A 140 -4.16 10.81 -19.28
N ASN A 141 -4.91 11.50 -18.41
CA ASN A 141 -4.55 12.86 -18.02
C ASN A 141 -3.56 12.85 -16.87
N PRO A 142 -2.76 13.92 -16.73
CA PRO A 142 -1.79 13.99 -15.64
C PRO A 142 -2.46 14.19 -14.28
N PRO A 143 -1.70 14.00 -13.18
CA PRO A 143 -2.26 14.20 -11.86
C PRO A 143 -2.53 15.69 -11.57
N PRO A 144 -3.66 16.01 -10.90
CA PRO A 144 -3.90 17.38 -10.45
C PRO A 144 -2.88 17.93 -9.45
N GLU A 145 -3.21 19.05 -8.83
CA GLU A 145 -2.31 19.68 -7.85
C GLU A 145 -2.53 19.10 -6.46
N ASP A 146 -3.79 18.99 -6.04
CA ASP A 146 -4.12 18.53 -4.67
C ASP A 146 -4.03 17.02 -4.46
N VAL A 147 -3.88 16.26 -5.57
CA VAL A 147 -3.74 14.80 -5.48
C VAL A 147 -2.26 14.38 -5.55
N THR A 148 -1.74 13.89 -4.43
CA THR A 148 -0.32 13.55 -4.33
C THR A 148 -0.08 12.66 -3.10
N ILE A 149 1.18 12.60 -2.67
CA ILE A 149 1.58 11.78 -1.52
C ILE A 149 2.32 12.66 -0.52
N PRO A 150 1.91 12.63 0.75
CA PRO A 150 2.59 13.43 1.77
C PRO A 150 4.07 13.11 1.93
N GLU A 151 4.87 14.13 2.21
CA GLU A 151 6.24 13.94 2.64
C GLU A 151 6.22 13.58 4.13
N ILE A 152 6.93 12.50 4.48
CA ILE A 152 6.97 12.05 5.87
C ILE A 152 7.82 13.01 6.71
N ALA A 153 7.29 13.37 7.88
CA ALA A 153 7.86 14.40 8.76
C ALA A 153 9.34 14.72 8.44
N GLY A 154 10.22 13.74 8.67
CA GLY A 154 11.65 13.94 8.46
C GLY A 154 12.37 12.65 8.11
N TYR A 155 12.04 12.09 6.93
CA TYR A 155 12.82 11.01 6.35
C TYR A 155 14.10 11.56 5.74
N GLY A 156 15.17 10.75 5.77
CA GLY A 156 16.45 11.12 5.17
C GLY A 156 17.50 11.44 6.20
N THR A 157 17.13 12.24 7.19
CA THR A 157 18.02 12.60 8.29
C THR A 157 18.23 11.44 9.26
N ASP A 158 19.28 11.55 10.08
CA ASP A 158 19.70 10.47 10.99
C ASP A 158 18.68 10.12 12.07
N GLU A 159 17.79 11.06 12.39
CA GLU A 159 16.81 10.87 13.47
C GLU A 159 15.87 9.69 13.21
N TRP A 160 15.65 9.35 11.94
CA TRP A 160 14.82 8.21 11.58
C TRP A 160 15.62 7.18 10.79
N THR A 161 15.33 5.90 11.04
CA THR A 161 16.07 4.80 10.40
C THR A 161 15.57 4.58 8.98
N ASP A 162 16.27 3.73 8.24
CA ASP A 162 15.84 3.36 6.89
C ASP A 162 14.72 2.31 6.97
N TRP A 163 14.05 2.08 5.85
CA TRP A 163 12.88 1.20 5.81
C TRP A 163 13.25 -0.29 5.99
N SER A 164 12.57 -0.95 6.93
CA SER A 164 12.41 -2.40 6.90
C SER A 164 11.26 -2.72 5.97
N TRP A 165 11.55 -2.72 4.68
CA TRP A 165 10.54 -2.85 3.62
C TRP A 165 10.36 -4.30 3.17
N LYS A 166 9.11 -4.71 2.96
CA LYS A 166 8.80 -6.11 2.61
C LYS A 166 7.60 -6.19 1.66
N SER A 167 7.47 -7.31 0.97
CA SER A 167 6.47 -7.48 -0.07
C SER A 167 5.86 -8.88 -0.05
N LEU A 168 4.59 -8.98 -0.44
CA LEU A 168 3.96 -10.26 -0.76
C LEU A 168 3.19 -10.15 -2.09
N ARG A 169 3.07 -11.27 -2.79
CA ARG A 169 2.34 -11.33 -4.05
C ARG A 169 1.11 -12.21 -3.86
N ILE A 170 -0.08 -11.59 -3.98
CA ILE A 170 -1.34 -12.26 -3.69
C ILE A 170 -2.08 -12.60 -4.97
N LYS A 171 -2.45 -13.88 -5.10
CA LYS A 171 -3.23 -14.35 -6.25
C LYS A 171 -4.60 -14.82 -5.81
N GLY A 172 -5.54 -14.81 -6.76
CA GLY A 172 -6.87 -15.39 -6.54
C GLY A 172 -7.91 -14.50 -5.88
N SER A 173 -7.64 -13.20 -5.80
CA SER A 173 -8.61 -12.25 -5.23
C SER A 173 -8.28 -10.79 -5.59
N HIS A 174 -9.30 -9.93 -5.48
CA HIS A 174 -9.16 -8.51 -5.79
C HIS A 174 -8.62 -7.73 -4.60
N CYS A 175 -7.93 -6.62 -4.88
CA CYS A 175 -7.29 -5.81 -3.84
C CYS A 175 -8.26 -4.88 -3.07
N ARG A 176 -9.56 -4.95 -3.37
CA ARG A 176 -10.53 -4.17 -2.63
C ARG A 176 -10.50 -4.49 -1.14
N GLU A 177 -10.27 -5.76 -0.80
CA GLU A 177 -10.53 -6.24 0.55
C GLU A 177 -9.31 -6.12 1.49
N ILE A 178 -8.22 -5.50 1.03
CA ILE A 178 -7.18 -4.96 1.91
C ILE A 178 -7.60 -3.58 2.39
N VAL A 179 -8.31 -2.85 1.53
CA VAL A 179 -8.85 -1.54 1.90
C VAL A 179 -10.02 -1.71 2.87
N ASP A 180 -10.75 -2.83 2.75
CA ASP A 180 -11.84 -3.16 3.69
C ASP A 180 -11.37 -3.28 5.14
N ASN A 181 -10.10 -3.62 5.35
CA ASN A 181 -9.54 -3.71 6.70
C ASN A 181 -9.61 -2.40 7.49
N VAL A 182 -9.72 -1.29 6.77
CA VAL A 182 -9.86 0.05 7.37
C VAL A 182 -11.01 0.15 8.37
N VAL A 183 -12.09 -0.60 8.13
CA VAL A 183 -13.29 -0.54 8.99
C VAL A 183 -13.51 -1.82 9.82
N ASP A 184 -12.64 -2.81 9.64
CA ASP A 184 -12.78 -4.09 10.34
C ASP A 184 -11.98 -4.04 11.63
N MET A 185 -12.63 -3.59 12.70
CA MET A 185 -12.01 -3.59 14.04
C MET A 185 -11.88 -5.00 14.57
N ALA A 186 -12.91 -5.81 14.36
CA ALA A 186 -13.04 -7.11 15.00
C ALA A 186 -11.93 -8.12 14.64
N HIS A 187 -11.38 -8.03 13.43
CA HIS A 187 -10.36 -9.00 13.00
C HIS A 187 -9.03 -8.81 13.72
N PHE A 188 -8.76 -7.58 14.16
CA PHE A 188 -7.55 -7.31 14.95
C PHE A 188 -7.48 -8.18 16.20
N PHE A 189 -8.64 -8.52 16.76
CA PHE A 189 -8.72 -9.38 17.92
C PHE A 189 -8.52 -10.85 17.52
N TYR A 190 -9.42 -11.37 16.69
CA TYR A 190 -9.46 -12.79 16.39
C TYR A 190 -8.36 -13.25 15.43
N ILE A 191 -7.89 -12.35 14.57
CA ILE A 191 -6.78 -12.65 13.65
C ILE A 191 -5.45 -12.19 14.23
N HIS A 192 -5.25 -10.89 14.35
CA HIS A 192 -3.94 -10.30 14.71
C HIS A 192 -3.60 -10.39 16.21
N TYR A 193 -4.57 -10.78 17.04
CA TYR A 193 -4.38 -11.00 18.48
C TYR A 193 -4.04 -9.70 19.26
N SER A 194 -4.77 -8.63 18.96
CA SER A 194 -4.68 -7.36 19.70
C SER A 194 -6.00 -7.07 20.41
N PHE A 195 -6.07 -5.93 21.11
CA PHE A 195 -7.27 -5.56 21.88
C PHE A 195 -7.68 -4.11 21.55
N PRO A 196 -8.59 -3.93 20.57
CA PRO A 196 -9.12 -2.59 20.27
C PRO A 196 -9.95 -1.99 21.41
N ARG A 197 -9.58 -0.77 21.82
CA ARG A 197 -10.32 -0.03 22.86
C ARG A 197 -11.04 1.20 22.29
N TYR A 198 -10.77 1.51 21.02
CA TYR A 198 -11.23 2.76 20.39
C TYR A 198 -11.17 2.58 18.88
N PHE A 199 -12.14 3.15 18.17
CA PHE A 199 -12.20 3.02 16.71
C PHE A 199 -13.03 4.13 16.08
N LYS A 200 -12.41 4.92 15.22
CA LYS A 200 -13.11 5.96 14.49
C LYS A 200 -12.57 6.06 13.06
N ASN A 201 -13.47 6.36 12.13
CA ASN A 201 -13.12 6.46 10.72
C ASN A 201 -13.57 7.79 10.14
N VAL A 202 -12.76 8.39 9.28
CA VAL A 202 -13.08 9.64 8.59
C VAL A 202 -12.78 9.52 7.10
N PHE A 203 -13.74 9.92 6.26
CA PHE A 203 -13.59 9.83 4.81
C PHE A 203 -13.80 11.19 4.16
N GLU A 204 -12.69 11.87 3.84
CA GLU A 204 -12.70 13.11 3.08
C GLU A 204 -12.41 12.82 1.61
N GLY A 205 -12.56 13.84 0.77
CA GLY A 205 -12.38 13.69 -0.69
C GLY A 205 -11.05 13.06 -1.07
N HIS A 206 -11.11 11.77 -1.43
CA HIS A 206 -9.97 10.96 -1.92
C HIS A 206 -9.05 10.40 -0.84
N THR A 207 -9.27 10.76 0.43
CA THR A 207 -8.50 10.20 1.56
C THR A 207 -9.42 9.50 2.57
N ALA A 208 -9.01 8.32 3.04
CA ALA A 208 -9.78 7.54 4.00
C ALA A 208 -8.95 7.20 5.24
N THR A 209 -9.52 7.45 6.42
CA THR A 209 -8.78 7.43 7.67
C THR A 209 -9.29 6.35 8.63
N GLN A 210 -8.37 5.81 9.43
CA GLN A 210 -8.69 4.98 10.59
C GLN A 210 -7.95 5.52 11.80
N TYR A 211 -8.66 5.66 12.92
CA TYR A 211 -8.04 5.98 14.21
C TYR A 211 -8.31 4.84 15.15
N MET A 212 -7.27 4.35 15.82
CA MET A 212 -7.42 3.20 16.70
C MET A 212 -6.49 3.30 17.89
N HIS A 213 -7.00 2.99 19.07
CA HIS A 213 -6.19 2.81 20.27
C HIS A 213 -6.34 1.35 20.67
N SER A 214 -5.24 0.60 20.62
CA SER A 214 -5.27 -0.84 20.89
C SER A 214 -4.21 -1.27 21.91
N THR A 215 -4.50 -2.38 22.60
CA THR A 215 -3.57 -2.96 23.57
C THR A 215 -3.36 -4.43 23.27
N GLY A 216 -2.35 -5.03 23.90
CA GLY A 216 -2.14 -6.47 23.82
C GLY A 216 -3.14 -7.22 24.70
N ARG A 217 -3.19 -8.54 24.53
CA ARG A 217 -4.08 -9.38 25.33
C ARG A 217 -3.24 -10.33 26.17
N GLU A 218 -3.65 -10.51 27.43
CA GLU A 218 -2.81 -11.14 28.45
C GLU A 218 -2.59 -12.65 28.20
N ASP A 219 -3.48 -13.27 27.41
CA ASP A 219 -3.36 -14.71 27.11
C ASP A 219 -2.43 -15.01 25.93
N VAL A 220 -1.19 -14.52 26.01
CA VAL A 220 -0.16 -14.79 25.00
C VAL A 220 1.19 -15.07 25.65
N ILE A 221 1.99 -15.93 25.02
CA ILE A 221 3.29 -16.34 25.54
C ILE A 221 4.36 -15.38 25.02
N SER A 222 5.42 -15.18 25.80
CA SER A 222 6.56 -14.36 25.39
C SER A 222 7.34 -15.01 24.24
N TYR A 226 8.83 -8.61 26.87
CA TYR A 226 7.48 -8.72 27.42
C TYR A 226 6.81 -7.35 27.53
N ASP A 227 5.48 -7.34 27.43
CA ASP A 227 4.70 -6.11 27.45
C ASP A 227 4.08 -5.82 28.81
N ASP A 228 3.79 -4.54 29.06
CA ASP A 228 3.10 -4.12 30.29
C ASP A 228 1.69 -4.72 30.37
N PRO A 229 1.11 -4.77 31.60
CA PRO A 229 -0.27 -5.26 31.76
C PRO A 229 -1.32 -4.46 30.99
N ASN A 230 -1.06 -3.18 30.77
CA ASN A 230 -1.89 -2.34 29.89
C ASN A 230 -1.01 -1.61 28.88
N ALA A 231 -0.12 -2.37 28.23
CA ALA A 231 0.70 -1.85 27.14
C ALA A 231 -0.21 -1.42 25.98
N GLU A 232 -0.20 -0.12 25.68
CA GLU A 232 -1.18 0.47 24.77
C GLU A 232 -0.49 1.16 23.60
N LEU A 233 -1.10 1.07 22.42
CA LEU A 233 -0.58 1.61 21.18
C LEU A 233 -1.63 2.52 20.54
N ARG A 234 -1.21 3.68 20.04
CA ARG A 234 -2.12 4.66 19.43
C ARG A 234 -1.86 4.78 17.93
N SER A 235 -2.74 4.18 17.14
CA SER A 235 -2.59 4.14 15.69
C SER A 235 -3.44 5.20 15.01
N GLU A 236 -2.97 5.64 13.83
CA GLU A 236 -3.62 6.69 13.06
C GLU A 236 -3.26 6.49 11.59
N ALA A 237 -4.10 5.76 10.87
CA ALA A 237 -3.80 5.34 9.51
C ALA A 237 -4.71 6.05 8.50
N THR A 238 -4.14 6.45 7.36
CA THR A 238 -4.88 7.18 6.35
C THR A 238 -4.47 6.78 4.93
N TYR A 239 -5.43 6.24 4.17
CA TYR A 239 -5.25 6.04 2.73
C TYR A 239 -5.33 7.37 2.02
N PHE A 240 -4.30 7.68 1.22
CA PHE A 240 -4.34 8.80 0.32
C PHE A 240 -4.67 8.26 -1.06
N GLY A 241 -5.95 7.83 -1.17
CA GLY A 241 -6.37 6.69 -2.00
C GLY A 241 -5.94 6.68 -3.46
N PRO A 242 -6.14 5.53 -4.13
CA PRO A 242 -6.84 4.34 -3.66
C PRO A 242 -5.95 3.27 -2.98
N SER A 243 -4.64 3.32 -3.22
CA SER A 243 -3.78 2.18 -2.95
C SER A 243 -2.74 2.43 -1.86
N TYR A 244 -2.57 3.67 -1.43
CA TYR A 244 -1.42 4.04 -0.63
C TYR A 244 -1.82 4.57 0.76
N MET A 245 -1.36 3.88 1.82
CA MET A 245 -1.66 4.23 3.20
C MET A 245 -0.39 4.50 3.99
N ILE A 246 -0.47 5.47 4.91
CA ILE A 246 0.58 5.69 5.89
C ILE A 246 -0.03 5.62 7.29
N ASP A 247 0.73 5.08 8.24
CA ASP A 247 0.22 4.85 9.58
C ASP A 247 1.19 5.37 10.63
N TRP A 248 0.75 6.38 11.37
CA TRP A 248 1.51 6.93 12.46
C TRP A 248 1.15 6.16 13.74
N LEU A 249 2.18 5.64 14.40
CA LEU A 249 2.00 4.79 15.57
C LEU A 249 2.81 5.35 16.73
N GLU A 250 2.30 5.16 17.95
CA GLU A 250 2.95 5.68 19.16
C GLU A 250 2.52 4.90 20.39
N SER A 251 3.49 4.61 21.25
CA SER A 251 3.25 4.00 22.56
C SER A 251 4.16 4.66 23.58
N ASP A 252 3.56 5.13 24.69
CA ASP A 252 4.30 5.81 25.75
C ASP A 252 4.73 4.79 26.80
N ALA A 253 5.98 4.31 26.69
CA ALA A 253 6.51 3.30 27.60
C ALA A 253 7.96 3.61 27.97
N ASN A 254 8.36 3.19 29.18
CA ASN A 254 9.64 3.57 29.78
C ASN A 254 9.86 5.10 29.81
N GLY A 255 8.82 5.83 30.20
CA GLY A 255 8.90 7.28 30.34
C GLY A 255 8.55 8.02 29.06
N GLN A 256 9.37 7.82 28.02
CA GLN A 256 9.19 8.51 26.74
C GLN A 256 8.36 7.69 25.74
N THR A 257 8.04 8.31 24.61
CA THR A 257 7.15 7.72 23.60
C THR A 257 7.94 7.12 22.45
N ILE A 258 7.66 5.86 22.12
CA ILE A 258 8.23 5.22 20.92
C ILE A 258 7.32 5.51 19.73
N GLU A 259 7.72 6.49 18.92
CA GLU A 259 7.03 6.80 17.66
C GLU A 259 7.46 5.84 16.55
N THR A 260 6.50 5.44 15.73
CA THR A 260 6.77 4.59 14.57
C THR A 260 5.87 5.00 13.41
N ILE A 261 6.37 4.87 12.19
CA ILE A 261 5.58 5.14 10.99
C ILE A 261 5.58 3.90 10.10
N LEU A 262 4.39 3.33 9.90
CA LEU A 262 4.20 2.10 9.15
C LEU A 262 3.51 2.42 7.84
N ILE A 263 4.12 2.03 6.71
CA ILE A 263 3.51 2.22 5.40
C ILE A 263 2.83 0.94 4.93
N ASN A 264 1.57 1.06 4.52
CA ASN A 264 0.87 0.03 3.79
C ASN A 264 0.55 0.52 2.38
N CYS A 265 1.05 -0.19 1.36
CA CYS A 265 0.76 0.17 -0.03
C CYS A 265 0.77 -1.04 -0.95
N HIS A 266 -0.12 -1.01 -1.95
CA HIS A 266 -0.25 -2.11 -2.89
C HIS A 266 -0.41 -1.60 -4.31
N TYR A 267 -0.31 -2.51 -5.28
CA TYR A 267 -0.70 -2.22 -6.65
C TYR A 267 -1.23 -3.47 -7.34
N PRO A 268 -2.20 -3.30 -8.26
CA PRO A 268 -2.75 -4.44 -8.97
C PRO A 268 -1.84 -4.90 -10.12
N VAL A 269 -1.72 -6.21 -10.30
CA VAL A 269 -1.09 -6.81 -11.48
C VAL A 269 -2.16 -6.96 -12.53
N SER A 270 -3.23 -7.67 -12.14
CA SER A 270 -4.44 -7.81 -12.92
C SER A 270 -5.61 -7.79 -11.94
N ASN A 271 -6.83 -7.82 -12.44
CA ASN A 271 -8.01 -7.89 -11.57
C ASN A 271 -7.99 -9.04 -10.57
N ASN A 272 -7.34 -10.15 -10.95
CA ASN A 272 -7.30 -11.37 -10.12
C ASN A 272 -6.05 -11.48 -9.24
N GLU A 273 -5.12 -10.52 -9.37
CA GLU A 273 -3.84 -10.62 -8.68
C GLU A 273 -3.25 -9.23 -8.38
N PHE A 274 -2.61 -9.11 -7.20
CA PHE A 274 -1.98 -7.85 -6.80
C PHE A 274 -0.78 -8.06 -5.88
N VAL A 275 0.14 -7.10 -5.91
CA VAL A 275 1.30 -7.13 -5.03
C VAL A 275 1.01 -6.28 -3.80
N LEU A 276 1.57 -6.65 -2.67
CA LEU A 276 1.34 -5.97 -1.40
C LEU A 276 2.68 -5.58 -0.80
N GLN A 277 2.89 -4.29 -0.58
CA GLN A 277 4.14 -3.80 -0.02
C GLN A 277 3.91 -3.08 1.31
N TYR A 278 4.92 -3.13 2.17
CA TYR A 278 4.85 -2.43 3.45
C TYR A 278 6.22 -2.30 4.09
N GLY A 279 6.39 -1.24 4.88
CA GLY A 279 7.62 -1.01 5.61
C GLY A 279 7.47 -0.10 6.80
N ALA A 280 8.50 -0.06 7.65
CA ALA A 280 8.45 0.67 8.91
C ALA A 280 9.77 1.37 9.22
N ILE A 281 9.68 2.63 9.69
CA ILE A 281 10.83 3.31 10.28
C ILE A 281 10.46 3.82 11.66
N VAL A 282 11.48 3.92 12.53
CA VAL A 282 11.29 4.36 13.91
C VAL A 282 12.16 5.60 14.16
N LYS A 283 11.67 6.53 14.96
CA LYS A 283 12.49 7.65 15.40
C LYS A 283 13.55 7.14 16.37
N LYS A 284 14.79 7.58 16.20
CA LYS A 284 15.86 7.22 17.12
C LYS A 284 15.58 7.81 18.49
N LEU A 285 15.34 6.92 19.45
CA LEU A 285 15.22 7.31 20.85
C LEU A 285 16.56 7.84 21.32
N PRO A 286 16.55 8.70 22.35
CA PRO A 286 17.80 9.23 22.87
C PRO A 286 18.55 8.18 23.67
N GLY A 287 19.83 7.98 23.35
CA GLY A 287 20.65 6.97 23.99
C GLY A 287 20.61 5.63 23.30
N VAL A 288 20.29 5.65 22.00
CA VAL A 288 20.12 4.42 21.22
C VAL A 288 20.89 4.58 19.90
N SER A 289 21.60 3.52 19.50
CA SER A 289 22.44 3.54 18.30
C SER A 289 21.61 3.29 17.04
N ASP A 290 22.27 3.38 15.88
CA ASP A 290 21.63 3.14 14.59
C ASP A 290 21.14 1.69 14.44
N GLU A 291 21.87 0.75 15.03
CA GLU A 291 21.60 -0.68 14.85
C GLU A 291 20.42 -1.09 15.72
N ILE A 292 20.47 -0.69 16.99
CA ILE A 292 19.37 -0.96 17.92
C ILE A 292 18.07 -0.36 17.38
N ALA A 293 18.18 0.85 16.82
CA ALA A 293 17.05 1.52 16.17
C ALA A 293 16.51 0.71 14.99
N ALA A 294 17.42 0.26 14.12
CA ALA A 294 17.05 -0.52 12.94
C ALA A 294 16.44 -1.88 13.30
N GLY A 295 16.86 -2.43 14.43
CA GLY A 295 16.32 -3.69 14.94
C GLY A 295 14.88 -3.57 15.40
N MET A 296 14.54 -2.40 15.96
CA MET A 296 13.15 -2.12 16.37
C MET A 296 12.23 -2.03 15.16
N ALA A 297 12.72 -1.40 14.10
CA ALA A 297 12.01 -1.33 12.82
C ALA A 297 11.80 -2.72 12.21
N GLU A 298 12.83 -3.56 12.31
CA GLU A 298 12.76 -4.93 11.80
C GLU A 298 11.71 -5.75 12.55
N GLN A 299 11.84 -5.80 13.87
CA GLN A 299 10.91 -6.54 14.72
C GLN A 299 9.46 -6.15 14.45
N PHE A 300 9.21 -4.85 14.29
CA PHE A 300 7.87 -4.35 14.03
C PHE A 300 7.35 -4.85 12.68
N ALA A 301 8.17 -4.69 11.63
CA ALA A 301 7.83 -5.18 10.30
C ALA A 301 7.67 -6.71 10.26
N GLU A 302 8.54 -7.42 10.99
CA GLU A 302 8.43 -8.87 11.11
C GLU A 302 7.14 -9.29 11.82
N GLY A 303 6.67 -8.47 12.76
CA GLY A 303 5.42 -8.71 13.46
C GLY A 303 4.21 -8.44 12.59
N VAL A 304 4.32 -7.43 11.73
CA VAL A 304 3.29 -7.15 10.72
C VAL A 304 3.27 -8.23 9.66
N GLN A 305 4.45 -8.68 9.24
CA GLN A 305 4.60 -9.82 8.31
C GLN A 305 3.67 -10.96 8.68
N LEU A 306 3.82 -11.46 9.91
CA LEU A 306 2.97 -12.54 10.43
C LEU A 306 1.50 -12.16 10.37
N GLY A 307 1.21 -10.87 10.64
CA GLY A 307 -0.15 -10.33 10.55
C GLY A 307 -0.78 -10.48 9.18
N PHE A 308 -0.14 -9.92 8.16
CA PHE A 308 -0.65 -10.03 6.79
C PHE A 308 -0.64 -11.46 6.25
N GLU A 309 0.31 -12.28 6.69
CA GLU A 309 0.30 -13.72 6.38
C GLU A 309 -1.00 -14.40 6.85
N GLN A 310 -1.51 -13.97 8.01
CA GLN A 310 -2.76 -14.49 8.53
C GLN A 310 -3.96 -13.98 7.72
N ASP A 311 -3.89 -12.72 7.29
CA ASP A 311 -4.89 -12.15 6.37
C ASP A 311 -4.94 -12.92 5.06
N VAL A 312 -3.78 -13.24 4.49
CA VAL A 312 -3.69 -13.93 3.20
C VAL A 312 -4.48 -15.25 3.24
N GLU A 313 -4.36 -16.00 4.34
CA GLU A 313 -5.12 -17.24 4.49
C GLU A 313 -6.63 -16.98 4.57
N ILE A 314 -7.01 -15.84 5.15
CA ILE A 314 -8.40 -15.39 5.15
C ILE A 314 -8.81 -15.02 3.73
N TRP A 315 -8.01 -14.14 3.10
CA TRP A 315 -8.29 -13.67 1.74
C TRP A 315 -8.28 -14.78 0.68
N LYS A 316 -7.36 -15.73 0.83
CA LYS A 316 -7.23 -16.84 -0.11
C LYS A 316 -8.45 -17.77 -0.08
N ASN A 317 -8.95 -18.07 1.11
CA ASN A 317 -10.08 -18.99 1.27
C ASN A 317 -11.46 -18.29 1.23
N LYS A 318 -11.50 -16.97 1.40
CA LYS A 318 -12.79 -16.25 1.39
C LYS A 318 -13.31 -16.09 -0.03
N ALA A 319 -14.63 -15.88 -0.14
CA ALA A 319 -15.26 -15.57 -1.42
C ALA A 319 -15.56 -14.08 -1.49
N PRO A 320 -15.53 -13.49 -2.69
CA PRO A 320 -15.92 -12.09 -2.82
C PRO A 320 -17.40 -11.90 -2.54
N ILE A 321 -17.76 -10.75 -1.96
CA ILE A 321 -19.12 -10.51 -1.47
C ILE A 321 -19.49 -9.02 -1.46
N ASP A 322 -20.37 -8.63 -2.38
CA ASP A 322 -20.84 -7.24 -2.48
C ASP A 322 -22.03 -6.94 -1.56
N ASN A 323 -22.62 -7.97 -0.96
CA ASN A 323 -23.72 -7.81 -0.02
C ASN A 323 -23.40 -8.38 1.36
N PRO A 324 -22.55 -7.67 2.14
CA PRO A 324 -22.32 -8.12 3.52
C PRO A 324 -23.58 -8.04 4.37
N LEU A 325 -23.60 -8.79 5.46
CA LEU A 325 -24.61 -8.68 6.47
C LEU A 325 -23.96 -8.25 7.77
N LEU A 326 -24.08 -6.97 8.09
CA LEU A 326 -23.36 -6.36 9.19
C LEU A 326 -24.18 -6.40 10.50
N SER A 327 -23.48 -6.52 11.61
CA SER A 327 -24.05 -6.37 12.94
C SER A 327 -24.04 -4.90 13.36
N GLU A 328 -24.18 -4.66 14.66
CA GLU A 328 -24.16 -3.32 15.23
C GLU A 328 -22.78 -2.89 15.73
N GLU A 329 -21.81 -3.80 15.68
CA GLU A 329 -20.42 -3.52 16.08
C GLU A 329 -19.47 -3.47 14.88
N ASP A 330 -20.02 -3.60 13.66
CA ASP A 330 -19.23 -3.55 12.43
C ASP A 330 -19.06 -2.11 11.97
N GLY A 331 -17.89 -1.81 11.40
CA GLY A 331 -17.61 -0.51 10.82
C GLY A 331 -18.30 -0.29 9.49
N PRO A 332 -18.25 0.95 8.96
CA PRO A 332 -19.00 1.34 7.77
C PRO A 332 -18.38 0.77 6.48
N VAL A 333 -18.80 -0.44 6.12
CA VAL A 333 -18.29 -1.12 4.94
C VAL A 333 -18.75 -0.42 3.66
N TYR A 334 -20.05 -0.16 3.56
CA TYR A 334 -20.64 0.42 2.34
C TYR A 334 -20.11 1.81 2.04
N GLN A 335 -19.96 2.64 3.08
CA GLN A 335 -19.46 3.99 2.92
C GLN A 335 -17.96 4.01 2.59
N LEU A 336 -17.25 2.95 2.98
CA LEU A 336 -15.86 2.75 2.56
C LEU A 336 -15.79 2.36 1.09
N ARG A 337 -16.67 1.46 0.67
CA ARG A 337 -16.71 0.99 -0.71
C ARG A 337 -17.37 1.99 -1.66
N ARG A 338 -18.12 2.94 -1.11
CA ARG A 338 -18.65 4.06 -1.88
C ARG A 338 -17.52 5.03 -2.23
N TRP A 339 -16.79 5.42 -1.19
CA TRP A 339 -15.59 6.25 -1.33
C TRP A 339 -14.55 5.61 -2.26
N TYR A 340 -14.38 4.29 -2.14
CA TYR A 340 -13.42 3.54 -2.95
C TYR A 340 -13.84 3.37 -4.42
N GLN A 341 -15.15 3.45 -4.69
CA GLN A 341 -15.65 3.40 -6.07
C GLN A 341 -15.24 4.63 -6.89
N GLN A 342 -15.04 5.76 -6.22
CA GLN A 342 -14.52 7.00 -6.81
C GLN A 342 -13.42 6.76 -7.85
N PHE A 343 -12.48 5.86 -7.53
CA PHE A 343 -11.25 5.73 -8.30
C PHE A 343 -11.37 4.84 -9.56
N TYR A 344 -12.41 4.01 -9.62
CA TYR A 344 -12.67 3.15 -10.79
C TYR A 344 -13.60 3.81 -11.82
N VAL A 345 -14.10 5.00 -11.52
CA VAL A 345 -15.00 5.73 -12.43
C VAL A 345 -14.29 6.95 -12.97
N ASP A 346 -14.84 7.51 -14.04
CA ASP A 346 -14.32 8.77 -14.59
C ASP A 346 -14.44 9.88 -13.56
N VAL A 347 -13.49 10.81 -13.57
CA VAL A 347 -13.51 11.93 -12.64
C VAL A 347 -14.77 12.77 -12.82
N GLU A 348 -15.25 12.87 -14.06
CA GLU A 348 -16.47 13.63 -14.39
C GLU A 348 -17.75 12.99 -13.84
N ASP A 349 -17.71 11.68 -13.53
CA ASP A 349 -18.88 10.95 -13.05
C ASP A 349 -18.86 10.71 -11.52
N ILE A 350 -17.92 11.34 -10.81
CA ILE A 350 -17.87 11.26 -9.35
C ILE A 350 -19.02 12.05 -8.73
N THR A 351 -19.68 11.48 -7.73
CA THR A 351 -20.77 12.15 -7.01
C THR A 351 -20.35 12.53 -5.59
N GLU A 352 -21.12 13.44 -5.00
CA GLU A 352 -20.93 13.90 -3.63
C GLU A 352 -20.81 12.79 -2.61
N ASP A 353 -21.66 11.77 -2.72
CA ASP A 353 -21.67 10.63 -1.78
C ASP A 353 -20.35 9.86 -1.74
N MET A 354 -19.52 10.00 -2.77
CA MET A 354 -18.20 9.36 -2.79
C MET A 354 -17.19 10.22 -2.01
N THR A 355 -17.15 11.51 -2.32
CA THR A 355 -16.16 12.43 -1.77
C THR A 355 -16.61 13.18 -0.49
N LYS A 356 -17.88 13.02 -0.12
CA LYS A 356 -18.45 13.67 1.08
C LYS A 356 -17.61 13.45 2.33
N ARG A 357 -17.84 14.28 3.34
CA ARG A 357 -17.32 14.01 4.67
C ARG A 357 -18.26 13.04 5.37
N PHE A 358 -17.78 11.83 5.64
CA PHE A 358 -18.48 10.88 6.51
C PHE A 358 -17.57 10.42 7.65
N GLU A 359 -18.11 10.44 8.87
CA GLU A 359 -17.40 10.04 10.07
C GLU A 359 -18.28 9.09 10.88
N PHE A 360 -17.65 8.17 11.58
CA PHE A 360 -18.38 7.21 12.42
C PHE A 360 -17.45 6.57 13.45
N GLU A 361 -17.94 6.46 14.68
CA GLU A 361 -17.21 5.82 15.77
C GLU A 361 -18.03 4.66 16.33
N ILE A 362 -17.38 3.52 16.52
CA ILE A 362 -18.04 2.32 17.04
C ILE A 362 -18.06 2.39 18.56
N ASP A 363 -19.25 2.19 19.14
CA ASP A 363 -19.38 2.03 20.59
C ASP A 363 -18.85 0.66 20.96
N THR A 364 -17.60 0.62 21.43
CA THR A 364 -16.91 -0.64 21.71
C THR A 364 -17.12 -1.15 23.13
N THR A 365 -17.95 -0.47 23.91
CA THR A 365 -18.11 -0.80 25.33
C THR A 365 -18.52 -2.26 25.54
N ARG A 366 -19.51 -2.73 24.79
CA ARG A 366 -19.93 -4.13 24.86
C ARG A 366 -18.89 -5.06 24.23
N ALA A 367 -18.29 -4.62 23.13
CA ALA A 367 -17.29 -5.43 22.42
C ALA A 367 -16.10 -5.79 23.32
N VAL A 368 -15.53 -4.77 23.98
CA VAL A 368 -14.39 -4.99 24.88
C VAL A 368 -14.79 -5.79 26.11
N ALA A 369 -16.02 -5.55 26.62
CA ALA A 369 -16.54 -6.31 27.75
C ALA A 369 -16.67 -7.79 27.40
N SER A 370 -17.11 -8.06 26.16
CA SER A 370 -17.21 -9.42 25.66
C SER A 370 -15.84 -10.07 25.50
N TRP A 371 -14.87 -9.31 25.00
CA TRP A 371 -13.50 -9.82 24.80
C TRP A 371 -12.73 -9.99 26.11
N GLN A 372 -13.13 -9.27 27.16
CA GLN A 372 -12.55 -9.44 28.50
C GLN A 372 -12.94 -10.79 29.10
N LYS A 373 -14.18 -11.22 28.86
CA LYS A 373 -14.64 -12.53 29.31
C LYS A 373 -13.78 -13.64 28.71
N GLU A 374 -13.52 -13.54 27.40
CA GLU A 374 -12.75 -14.55 26.69
C GLU A 374 -11.28 -14.59 27.11
N VAL A 375 -10.66 -13.42 27.23
CA VAL A 375 -9.24 -13.35 27.57
C VAL A 375 -8.97 -13.88 28.99
N ALA A 376 -9.87 -13.60 29.92
CA ALA A 376 -9.77 -14.07 31.29
C ALA A 376 -10.12 -15.56 31.42
N GLU A 377 -11.21 -15.95 30.76
CA GLU A 377 -11.63 -17.35 30.70
C GLU A 377 -10.51 -18.27 30.23
N ASN A 378 -9.77 -17.82 29.22
CA ASN A 378 -8.69 -18.61 28.62
C ASN A 378 -7.38 -18.60 29.42
N LEU A 379 -7.26 -17.68 30.38
CA LEU A 379 -6.14 -17.70 31.34
C LEU A 379 -6.35 -18.78 32.40
N ALA A 380 -7.60 -18.97 32.83
CA ALA A 380 -7.93 -19.95 33.86
C ALA A 380 -7.66 -21.40 33.44
N LYS A 381 -7.65 -21.65 32.13
CA LYS A 381 -7.46 -23.00 31.58
C LYS A 381 -6.08 -23.61 31.87
N GLN A 382 -5.11 -22.78 32.24
CA GLN A 382 -3.75 -23.26 32.59
C GLN A 382 -3.34 -22.76 33.98
N ALA A 383 -2.40 -23.43 34.65
CA ALA A 383 -1.72 -24.64 34.18
C ALA A 383 -1.90 -25.72 35.24
#